data_8EY0
#
_entry.id   8EY0
#
_cell.length_a   63.405
_cell.length_b   92.214
_cell.length_c   96.768
_cell.angle_alpha   90.000
_cell.angle_beta   90.000
_cell.angle_gamma   90.000
#
_symmetry.space_group_name_H-M   'P 21 21 21'
#
loop_
_entity.id
_entity.type
_entity.pdbx_description
1 polymer 'Protein phosphatase 2C 16'
2 polymer 'Abscisic acid receptor PYR1'
3 non-polymer GLYCEROL
4 non-polymer (2S)-2-(4-chlorophenyl)-N-{2-[3-methoxy-4-(prop-2-yn-1-yloxy)phenyl]ethyl}-2-(prop-2-yn-1-yloxy)ethanamide
5 water water
#
loop_
_entity_poly.entity_id
_entity_poly.type
_entity_poly.pdbx_seq_one_letter_code
_entity_poly.pdbx_strand_id
1 'polypeptide(L)'
;RSVYELDCIPLWGTVSIQGNASEMEAAFAVSPHFLKLPIKMLMGDHEGMSPSLTHLTGHFFGVYDGHGGHKVADYCRDRL
HFALAEEIERIKDELCKRNTGEGRQVQWDKVFTSCFLTVDGEIEGKIGRAVVGSSDKVLEAVADETVGSTAVVALVCSSH
IVVSNCGDSRAVLFRGKEAMPLSVDHKPDREDEYARIENAGGKVIQWQGARVFGRLAMSRSIGDRYLKPYVIPEPEVTFM
PRSREDECLILASDGLWDVMNNQEVCEIARRRILMWHKKNGAPPLAERGKGIDPACQAAADYLSMLALQKGSKDNISIIV
IDLKAQRKFKTAT
;
B
2 'polypeptide(L)'
;MPSELTPEERSELKNSIAEFHTYQLDPGSCSSLHAQRIHAPPELVWSIVRRFDKPQTHRHFIKSCSVEQNFEMRVGCTRD
IIVISGLPANTSTERLDILDDERRVTGASIIGGEHRLTNYKGVTTVHRFEKENRIWTVVLESYVVDMPEGNSEDDTRIVV
DDVVKLNLQKLATVAEAMARN
;
A
#
loop_
_chem_comp.id
_chem_comp.type
_chem_comp.name
_chem_comp.formula
3UZ non-polymer (2S)-2-(4-chlorophenyl)-N-{2-[3-methoxy-4-(prop-2-yn-1-yloxy)phenyl]ethyl}-2-(prop-2-yn-1-yloxy)ethanamide 'C23 H22 Cl N O4'
GOL non-polymer GLYCEROL 'C3 H8 O3'
#
# COMPACT_ATOMS: atom_id res chain seq x y z
N CYS A 8 24.09 11.72 -23.62
CA CYS A 8 23.89 10.66 -22.62
C CYS A 8 23.00 9.53 -23.16
N ILE A 9 23.56 8.33 -23.30
CA ILE A 9 22.85 7.17 -23.81
C ILE A 9 22.28 6.40 -22.63
N PRO A 10 20.97 6.15 -22.59
CA PRO A 10 20.40 5.45 -21.42
C PRO A 10 20.52 3.94 -21.60
N LEU A 11 21.21 3.29 -20.66
CA LEU A 11 21.33 1.85 -20.61
C LEU A 11 20.57 1.33 -19.39
N TRP A 12 19.61 0.44 -19.61
CA TRP A 12 18.71 -0.01 -18.53
C TRP A 12 18.07 -1.35 -18.87
N GLY A 13 17.73 -2.10 -17.82
CA GLY A 13 16.91 -3.29 -17.95
C GLY A 13 15.91 -3.34 -16.81
N THR A 14 14.91 -4.20 -16.96
CA THR A 14 13.71 -4.14 -16.13
C THR A 14 13.16 -5.52 -15.89
N VAL A 15 12.88 -5.83 -14.63
CA VAL A 15 12.10 -6.99 -14.23
C VAL A 15 10.94 -6.50 -13.38
N SER A 16 9.73 -6.95 -13.71
CA SER A 16 8.53 -6.67 -12.92
C SER A 16 7.68 -7.94 -12.89
N ILE A 17 7.76 -8.72 -11.81
CA ILE A 17 7.10 -10.02 -11.73
C ILE A 17 6.22 -10.14 -10.48
N GLN A 18 5.27 -11.09 -10.56
CA GLN A 18 4.37 -11.38 -9.46
C GLN A 18 5.10 -12.06 -8.30
N GLY A 19 6.05 -12.95 -8.61
CA GLY A 19 6.80 -13.64 -7.59
C GLY A 19 5.88 -14.52 -6.76
N ASN A 20 6.01 -14.44 -5.44
CA ASN A 20 5.25 -15.28 -4.52
C ASN A 20 3.95 -14.64 -4.01
N ALA A 21 3.63 -13.42 -4.41
CA ALA A 21 2.45 -12.75 -3.91
C ALA A 21 1.19 -13.31 -4.59
N SER A 22 0.06 -13.18 -3.90
CA SER A 22 -1.17 -13.72 -4.48
C SER A 22 -1.75 -12.83 -5.57
N GLU A 23 -1.24 -11.60 -5.72
CA GLU A 23 -1.67 -10.73 -6.80
C GLU A 23 -0.46 -10.05 -7.39
N MET A 24 -0.58 -9.66 -8.65
CA MET A 24 0.39 -8.82 -9.33
C MET A 24 -0.07 -7.38 -9.20
N GLU A 25 0.70 -6.55 -8.48
CA GLU A 25 0.27 -5.18 -8.26
C GLU A 25 1.40 -4.20 -8.52
N ALA A 26 2.45 -4.64 -9.19
CA ALA A 26 3.60 -3.79 -9.41
C ALA A 26 3.53 -3.19 -10.80
N ALA A 27 4.10 -1.99 -10.93
CA ALA A 27 4.20 -1.33 -12.23
C ALA A 27 5.50 -0.56 -12.24
N PHE A 28 5.97 -0.25 -13.45
CA PHE A 28 7.14 0.57 -13.67
C PHE A 28 6.90 1.46 -14.88
N ALA A 29 7.73 2.49 -15.03
CA ALA A 29 7.73 3.35 -16.21
C ALA A 29 9.16 3.71 -16.54
N VAL A 30 9.56 3.51 -17.80
CA VAL A 30 10.83 4.02 -18.32
C VAL A 30 10.53 4.90 -19.52
N SER A 31 10.86 6.19 -19.42
CA SER A 31 10.66 7.12 -20.51
C SER A 31 11.97 7.79 -20.84
N PRO A 32 12.75 7.21 -21.75
CA PRO A 32 14.01 7.83 -22.17
C PRO A 32 13.76 9.11 -22.97
N HIS A 33 14.76 10.01 -22.92
CA HIS A 33 14.72 11.29 -23.64
C HIS A 33 13.42 12.04 -23.34
N PHE A 34 12.96 11.93 -22.10
CA PHE A 34 11.61 12.41 -21.76
C PHE A 34 11.58 13.91 -21.50
N LEU A 35 12.49 14.42 -20.67
CA LEU A 35 12.44 15.79 -20.21
C LEU A 35 13.54 16.61 -20.86
N LYS A 36 13.23 17.87 -21.12
CA LYS A 36 14.25 18.91 -21.34
C LYS A 36 14.33 19.69 -20.02
N LEU A 37 15.38 19.43 -19.25
CA LEU A 37 15.60 20.02 -17.94
C LEU A 37 16.28 21.38 -18.07
N PRO A 38 15.78 22.39 -17.35
CA PRO A 38 16.45 23.70 -17.37
C PRO A 38 17.78 23.61 -16.63
N ILE A 39 18.83 24.17 -17.25
CA ILE A 39 20.16 24.13 -16.65
C ILE A 39 20.15 24.79 -15.28
N LYS A 40 19.25 25.77 -15.09
CA LYS A 40 19.15 26.47 -13.80
C LYS A 40 18.84 25.51 -12.66
N MET A 41 18.20 24.38 -12.97
CA MET A 41 17.90 23.35 -11.97
C MET A 41 19.00 22.31 -11.84
N LEU A 42 20.17 22.54 -12.44
CA LEU A 42 21.28 21.59 -12.31
C LEU A 42 22.57 22.35 -11.98
N MET A 43 22.86 23.42 -12.70
CA MET A 43 24.09 24.17 -12.50
C MET A 43 23.85 25.67 -12.44
N HIS A 55 18.63 22.52 -23.92
CA HIS A 55 19.16 22.23 -22.58
C HIS A 55 19.45 20.73 -22.42
N LEU A 56 19.51 20.25 -21.18
CA LEU A 56 19.94 18.88 -20.92
C LEU A 56 18.76 17.92 -20.99
N THR A 57 18.96 16.80 -21.69
CA THR A 57 17.94 15.78 -21.86
C THR A 57 17.84 14.93 -20.60
N GLY A 58 16.61 14.68 -20.15
CA GLY A 58 16.45 13.87 -18.97
C GLY A 58 15.68 12.60 -19.21
N HIS A 59 16.22 11.46 -18.77
CA HIS A 59 15.54 10.18 -18.82
C HIS A 59 14.82 9.91 -17.50
N PHE A 60 13.60 9.34 -17.59
CA PHE A 60 12.75 9.07 -16.43
C PHE A 60 12.65 7.57 -16.16
N PHE A 61 12.72 7.20 -14.88
CA PHE A 61 12.68 5.81 -14.42
C PHE A 61 11.83 5.75 -13.17
N GLY A 62 10.84 4.86 -13.16
CA GLY A 62 9.95 4.76 -12.02
C GLY A 62 9.51 3.35 -11.68
N VAL A 63 9.55 3.02 -10.39
CA VAL A 63 9.06 1.76 -9.85
C VAL A 63 7.89 2.05 -8.91
N TYR A 64 6.77 1.35 -9.11
CA TYR A 64 5.56 1.57 -8.34
C TYR A 64 5.10 0.24 -7.76
N ASP A 65 5.28 0.06 -6.47
CA ASP A 65 4.93 -1.19 -5.80
C ASP A 65 3.56 -1.00 -5.15
N GLY A 66 2.50 -1.55 -5.78
CA GLY A 66 1.15 -1.38 -5.26
C GLY A 66 0.82 -2.26 -4.05
N HIS A 67 -0.21 -1.85 -3.33
CA HIS A 67 -0.72 -2.62 -2.19
C HIS A 67 -2.20 -2.32 -2.00
N GLY A 68 -2.94 -3.33 -1.53
CA GLY A 68 -4.39 -3.25 -1.40
C GLY A 68 -5.17 -3.35 -2.71
N GLY A 69 -4.48 -3.51 -3.83
CA GLY A 69 -5.06 -3.41 -5.16
C GLY A 69 -4.00 -2.94 -6.13
N HIS A 70 -4.29 -3.05 -7.43
CA HIS A 70 -3.31 -2.72 -8.46
C HIS A 70 -3.54 -1.35 -9.11
N LYS A 71 -4.71 -0.74 -8.92
CA LYS A 71 -5.11 0.42 -9.71
C LYS A 71 -4.28 1.68 -9.43
N VAL A 72 -3.71 1.82 -8.23
CA VAL A 72 -2.89 3.01 -7.96
C VAL A 72 -1.49 2.87 -8.57
N ALA A 73 -0.87 1.68 -8.48
CA ALA A 73 0.41 1.49 -9.17
C ALA A 73 0.25 1.68 -10.68
N ASP A 74 -0.84 1.17 -11.25
CA ASP A 74 -1.10 1.37 -12.67
C ASP A 74 -1.27 2.85 -12.99
N TYR A 75 -1.93 3.61 -12.09
CA TYR A 75 -2.11 5.02 -12.35
C TYR A 75 -0.78 5.74 -12.38
N CYS A 76 0.11 5.40 -11.44
CA CYS A 76 1.43 6.02 -11.39
C CYS A 76 2.23 5.75 -12.67
N ARG A 77 2.15 4.52 -13.18
CA ARG A 77 2.81 4.18 -14.42
C ARG A 77 2.28 5.02 -15.57
N ASP A 78 0.97 5.24 -15.61
CA ASP A 78 0.36 5.95 -16.73
C ASP A 78 0.51 7.46 -16.62
N ARG A 79 0.72 8.01 -15.42
CA ARG A 79 0.43 9.42 -15.25
C ARG A 79 1.54 10.22 -14.57
N LEU A 80 2.36 9.60 -13.71
CA LEU A 80 3.19 10.41 -12.81
C LEU A 80 4.25 11.18 -13.56
N HIS A 81 4.92 10.57 -14.53
CA HIS A 81 5.97 11.30 -15.22
C HIS A 81 5.40 12.42 -16.10
N PHE A 82 4.16 12.27 -16.58
CA PHE A 82 3.51 13.36 -17.29
C PHE A 82 3.18 14.52 -16.35
N ALA A 83 2.74 14.21 -15.12
CA ALA A 83 2.48 15.26 -14.13
C ALA A 83 3.78 15.93 -13.71
N LEU A 84 4.86 15.16 -13.60
CA LEU A 84 6.17 15.75 -13.38
C LEU A 84 6.48 16.80 -14.45
N ALA A 85 6.34 16.43 -15.73
CA ALA A 85 6.73 17.32 -16.82
C ALA A 85 5.89 18.60 -16.82
N GLU A 86 4.59 18.49 -16.49
CA GLU A 86 3.74 19.68 -16.36
C GLU A 86 4.18 20.57 -15.20
N GLU A 87 4.71 19.97 -14.13
CA GLU A 87 5.21 20.74 -13.02
C GLU A 87 6.56 21.38 -13.34
N ILE A 88 7.37 20.75 -14.20
CA ILE A 88 8.62 21.38 -14.62
C ILE A 88 8.32 22.54 -15.56
N GLU A 89 7.38 22.36 -16.48
CA GLU A 89 6.98 23.47 -17.34
C GLU A 89 6.32 24.58 -16.53
N ARG A 90 5.48 24.22 -15.57
CA ARG A 90 4.84 25.23 -14.72
C ARG A 90 5.85 26.02 -13.91
N ILE A 91 7.09 25.54 -13.80
CA ILE A 91 8.18 26.27 -13.15
C ILE A 91 9.20 26.63 -14.22
N LYS A 92 8.99 27.77 -14.87
CA LYS A 92 9.90 28.20 -15.92
C LYS A 92 10.67 29.42 -15.43
N ASP A 93 11.22 29.34 -14.22
CA ASP A 93 11.85 30.49 -13.57
C ASP A 93 13.03 30.09 -12.69
N ARG A 104 18.79 24.80 -4.30
CA ARG A 104 18.55 24.04 -5.52
C ARG A 104 18.07 22.62 -5.21
N GLN A 105 18.52 22.10 -4.07
CA GLN A 105 17.80 21.01 -3.43
C GLN A 105 16.37 21.42 -3.11
N VAL A 106 16.14 22.73 -2.93
CA VAL A 106 14.82 23.26 -2.63
C VAL A 106 13.93 23.25 -3.87
N GLN A 107 14.51 23.50 -5.04
CA GLN A 107 13.73 23.50 -6.28
C GLN A 107 13.25 22.10 -6.62
N TRP A 108 14.15 21.12 -6.61
CA TRP A 108 13.74 19.75 -6.90
C TRP A 108 12.80 19.21 -5.81
N ASP A 109 13.04 19.61 -4.56
CA ASP A 109 12.09 19.31 -3.49
C ASP A 109 10.69 19.78 -3.85
N LYS A 110 10.56 21.07 -4.19
CA LYS A 110 9.24 21.64 -4.49
C LYS A 110 8.59 20.95 -5.67
N VAL A 111 9.37 20.69 -6.72
CA VAL A 111 8.84 20.13 -7.96
C VAL A 111 8.27 18.74 -7.73
N PHE A 112 9.01 17.91 -6.98
CA PHE A 112 8.60 16.53 -6.79
C PHE A 112 7.51 16.42 -5.72
N THR A 113 7.63 17.20 -4.64
CA THR A 113 6.57 17.28 -3.66
C THR A 113 5.24 17.63 -4.34
N SER A 114 5.28 18.61 -5.24
CA SER A 114 4.07 19.02 -5.95
C SER A 114 3.58 17.93 -6.89
N CYS A 115 4.51 17.33 -7.65
CA CYS A 115 4.16 16.26 -8.58
C CYS A 115 3.48 15.09 -7.87
N PHE A 116 4.10 14.59 -6.79
CA PHE A 116 3.52 13.48 -6.04
C PHE A 116 2.17 13.86 -5.41
N LEU A 117 2.02 15.12 -4.99
CA LEU A 117 0.79 15.56 -4.37
C LEU A 117 -0.34 15.65 -5.38
N THR A 118 -0.02 16.10 -6.60
CA THR A 118 -0.99 16.13 -7.69
C THR A 118 -1.50 14.73 -8.02
N VAL A 119 -0.59 13.75 -8.14
CA VAL A 119 -0.99 12.39 -8.47
C VAL A 119 -1.85 11.81 -7.36
N ASP A 120 -1.49 12.06 -6.10
CA ASP A 120 -2.31 11.63 -4.98
C ASP A 120 -3.68 12.30 -5.00
N GLY A 121 -3.73 13.61 -5.30
CA GLY A 121 -5.01 14.30 -5.33
C GLY A 121 -5.94 13.80 -6.42
N GLU A 122 -5.38 13.48 -7.59
CA GLU A 122 -6.17 12.91 -8.68
C GLU A 122 -6.73 11.54 -8.30
N ILE A 123 -5.97 10.75 -7.54
CA ILE A 123 -6.44 9.42 -7.11
C ILE A 123 -7.60 9.55 -6.12
N GLU A 124 -7.53 10.53 -5.20
CA GLU A 124 -8.65 10.84 -4.31
C GLU A 124 -9.90 11.28 -5.06
N GLY A 125 -9.75 11.84 -6.25
CA GLY A 125 -10.85 12.56 -6.88
C GLY A 125 -11.01 13.97 -6.38
N LYS A 126 -9.92 14.56 -5.89
CA LYS A 126 -9.92 15.95 -5.46
C LYS A 126 -9.24 16.86 -6.47
N ILE A 127 -8.50 16.30 -7.43
CA ILE A 127 -7.87 17.04 -8.51
C ILE A 127 -8.40 16.50 -9.84
N GLY A 128 -8.66 17.41 -10.79
CA GLY A 128 -9.26 16.99 -12.06
C GLY A 128 -8.29 16.22 -12.94
N ARG A 129 -8.83 15.24 -13.66
CA ARG A 129 -8.04 14.37 -14.53
C ARG A 129 -8.85 14.00 -15.77
N ALA A 130 -8.13 13.67 -16.85
CA ALA A 130 -8.79 13.39 -18.13
C ALA A 130 -9.24 11.93 -18.19
N VAL A 131 -10.42 11.72 -18.76
CA VAL A 131 -10.97 10.37 -18.97
C VAL A 131 -11.72 10.36 -20.29
N VAL A 132 -11.77 9.19 -20.91
CA VAL A 132 -12.66 8.98 -22.04
C VAL A 132 -14.09 8.99 -21.53
N GLY A 133 -14.99 9.62 -22.29
CA GLY A 133 -16.36 9.78 -21.87
C GLY A 133 -16.71 11.21 -21.45
N SER A 134 -15.71 12.05 -21.22
CA SER A 134 -15.93 13.43 -20.84
C SER A 134 -15.04 14.35 -21.66
N SER A 135 -15.58 15.53 -21.99
CA SER A 135 -14.76 16.54 -22.67
C SER A 135 -13.81 17.23 -21.69
N ASP A 136 -14.28 17.51 -20.48
CA ASP A 136 -13.46 18.19 -19.49
C ASP A 136 -12.87 17.17 -18.53
N LYS A 137 -11.85 17.61 -17.81
CA LYS A 137 -11.33 16.86 -16.67
C LYS A 137 -12.43 16.65 -15.65
N VAL A 138 -12.39 15.50 -14.98
CA VAL A 138 -13.40 15.11 -14.00
C VAL A 138 -12.72 14.85 -12.67
N LEU A 139 -13.51 14.98 -11.61
CA LEU A 139 -13.13 14.59 -10.26
C LEU A 139 -13.70 13.20 -10.02
N GLU A 140 -12.85 12.19 -10.15
CA GLU A 140 -13.25 10.79 -9.95
C GLU A 140 -12.12 10.03 -9.30
N ALA A 141 -12.41 9.35 -8.20
CA ALA A 141 -11.40 8.55 -7.52
C ALA A 141 -10.90 7.46 -8.46
N VAL A 142 -9.58 7.23 -8.44
CA VAL A 142 -8.99 6.20 -9.29
C VAL A 142 -9.18 4.81 -8.67
N ALA A 143 -9.26 4.70 -7.35
CA ALA A 143 -9.29 3.41 -6.69
C ALA A 143 -9.95 3.55 -5.33
N ASP A 144 -10.22 2.42 -4.68
CA ASP A 144 -10.84 2.44 -3.37
C ASP A 144 -9.89 3.07 -2.34
N GLU A 145 -10.46 3.40 -1.17
CA GLU A 145 -9.72 4.15 -0.14
C GLU A 145 -8.54 3.38 0.47
N THR A 146 -8.49 2.06 0.33
CA THR A 146 -7.45 1.23 0.94
C THR A 146 -6.40 0.78 -0.09
N VAL A 147 -6.31 1.45 -1.22
CA VAL A 147 -5.41 1.08 -2.29
C VAL A 147 -4.34 2.15 -2.41
N GLY A 148 -3.08 1.74 -2.34
CA GLY A 148 -2.00 2.67 -2.55
C GLY A 148 -0.79 2.06 -3.22
N SER A 149 0.31 2.82 -3.26
CA SER A 149 1.50 2.37 -3.95
C SER A 149 2.70 3.15 -3.42
N THR A 150 3.86 2.49 -3.38
CA THR A 150 5.11 3.21 -3.29
C THR A 150 5.42 3.91 -4.62
N ALA A 151 6.34 4.87 -4.58
CA ALA A 151 6.87 5.50 -5.79
C ALA A 151 8.33 5.83 -5.55
N VAL A 152 9.24 5.14 -6.24
CA VAL A 152 10.63 5.55 -6.26
C VAL A 152 10.98 5.95 -7.69
N VAL A 153 11.46 7.16 -7.84
CA VAL A 153 11.57 7.81 -9.14
C VAL A 153 12.96 8.38 -9.28
N ALA A 154 13.54 8.27 -10.49
CA ALA A 154 14.87 8.78 -10.77
C ALA A 154 14.88 9.52 -12.10
N LEU A 155 15.39 10.75 -12.09
CA LEU A 155 15.79 11.44 -13.32
C LEU A 155 17.28 11.25 -13.52
N VAL A 156 17.68 10.79 -14.71
CA VAL A 156 19.09 10.70 -15.05
C VAL A 156 19.33 11.57 -16.26
N CYS A 157 20.28 12.49 -16.12
CA CYS A 157 20.82 13.20 -17.27
C CYS A 157 22.33 13.10 -17.19
N SER A 158 23.04 13.84 -18.03
CA SER A 158 24.48 13.64 -18.17
C SER A 158 25.25 14.14 -16.95
N SER A 159 24.70 15.12 -16.24
CA SER A 159 25.40 15.74 -15.12
C SER A 159 24.87 15.33 -13.75
N HIS A 160 23.61 14.92 -13.63
CA HIS A 160 23.03 14.75 -12.31
C HIS A 160 22.02 13.61 -12.29
N ILE A 161 21.91 12.97 -11.14
CA ILE A 161 20.83 12.06 -10.81
C ILE A 161 19.95 12.73 -9.75
N VAL A 162 18.63 12.64 -9.93
CA VAL A 162 17.68 13.15 -8.96
C VAL A 162 16.71 12.04 -8.60
N VAL A 163 16.58 11.76 -7.31
CA VAL A 163 15.75 10.66 -6.85
C VAL A 163 14.68 11.22 -5.93
N SER A 164 13.43 10.84 -6.19
CA SER A 164 12.28 11.19 -5.36
C SER A 164 11.63 9.89 -4.89
N ASN A 165 11.51 9.75 -3.59
CA ASN A 165 11.03 8.50 -3.04
C ASN A 165 9.90 8.72 -2.06
N CYS A 166 8.88 7.87 -2.16
CA CYS A 166 7.73 7.88 -1.27
C CYS A 166 7.42 6.42 -0.96
N GLY A 167 7.63 6.00 0.29
CA GLY A 167 7.35 4.64 0.67
C GLY A 167 8.57 3.78 0.95
N ASP A 168 8.48 2.46 0.71
CA ASP A 168 9.57 1.57 1.10
C ASP A 168 10.19 0.83 -0.08
N SER A 169 9.98 1.34 -1.30
CA SER A 169 10.92 1.03 -2.38
C SER A 169 12.18 1.86 -2.17
N ARG A 170 13.22 1.59 -2.96
CA ARG A 170 14.52 2.19 -2.67
C ARG A 170 15.33 2.31 -3.94
N ALA A 171 16.14 3.37 -4.01
CA ALA A 171 17.09 3.57 -5.09
C ALA A 171 18.50 3.53 -4.52
N VAL A 172 19.38 2.73 -5.12
CA VAL A 172 20.78 2.64 -4.70
C VAL A 172 21.71 2.96 -5.87
N LEU A 173 22.73 3.75 -5.60
CA LEU A 173 23.81 4.07 -6.54
C LEU A 173 25.06 3.29 -6.18
N PHE A 174 25.73 2.76 -7.19
CA PHE A 174 27.02 2.10 -7.01
C PHE A 174 28.09 3.01 -7.61
N ARG A 175 28.93 3.59 -6.76
CA ARG A 175 29.98 4.53 -7.17
C ARG A 175 31.32 3.97 -6.71
N GLY A 176 32.22 3.74 -7.67
CA GLY A 176 33.51 3.13 -7.38
C GLY A 176 33.31 1.67 -6.99
N LYS A 177 33.53 1.37 -5.71
CA LYS A 177 33.21 0.05 -5.17
C LYS A 177 32.27 0.15 -3.98
N GLU A 178 31.41 1.17 -3.90
CA GLU A 178 30.64 1.42 -2.68
C GLU A 178 29.20 1.73 -3.03
N ALA A 179 28.27 1.01 -2.39
CA ALA A 179 26.85 1.26 -2.57
C ALA A 179 26.43 2.50 -1.80
N MET A 180 25.77 3.42 -2.49
CA MET A 180 25.24 4.66 -1.94
C MET A 180 23.72 4.64 -2.05
N PRO A 181 22.99 4.39 -0.96
CA PRO A 181 21.52 4.57 -1.04
C PRO A 181 21.18 6.03 -1.33
N LEU A 182 20.28 6.24 -2.28
CA LEU A 182 19.83 7.58 -2.61
C LEU A 182 18.43 7.86 -2.05
N SER A 183 17.89 6.95 -1.24
CA SER A 183 16.63 7.19 -0.55
C SER A 183 16.63 6.43 0.78
N VAL A 184 15.87 6.94 1.74
CA VAL A 184 15.71 6.33 3.06
C VAL A 184 14.27 5.83 3.18
N ASP A 185 14.11 4.52 3.37
CA ASP A 185 12.79 3.89 3.46
C ASP A 185 11.88 4.65 4.43
N HIS A 186 10.61 4.77 4.03
CA HIS A 186 9.60 5.31 4.92
C HIS A 186 8.97 4.17 5.73
N LYS A 187 9.67 3.77 6.78
CA LYS A 187 9.14 2.74 7.66
C LYS A 187 8.52 3.37 8.89
N PRO A 188 7.39 2.85 9.38
CA PRO A 188 6.69 3.52 10.50
C PRO A 188 7.51 3.59 11.77
N ASP A 189 8.47 2.68 11.97
CA ASP A 189 9.32 2.70 13.15
C ASP A 189 10.64 3.44 12.93
N ARG A 190 10.82 4.07 11.78
CA ARG A 190 11.88 5.07 11.67
C ARG A 190 11.59 6.19 12.66
N GLU A 191 12.62 6.58 13.42
CA GLU A 191 12.41 7.44 14.58
C GLU A 191 11.61 8.70 14.24
N ASP A 192 11.99 9.40 13.16
CA ASP A 192 11.30 10.64 12.81
C ASP A 192 9.86 10.37 12.35
N GLU A 193 9.63 9.28 11.60
CA GLU A 193 8.29 8.94 11.14
C GLU A 193 7.40 8.49 12.30
N TYR A 194 7.94 7.62 13.18
CA TYR A 194 7.18 7.22 14.36
C TYR A 194 6.72 8.45 15.15
N ALA A 195 7.62 9.42 15.34
CA ALA A 195 7.24 10.63 16.07
C ALA A 195 6.21 11.45 15.31
N ARG A 196 6.36 11.56 13.99
CA ARG A 196 5.39 12.32 13.20
C ARG A 196 4.03 11.65 13.21
N ILE A 197 4.00 10.33 13.17
CA ILE A 197 2.73 9.60 13.21
C ILE A 197 2.07 9.73 14.57
N GLU A 198 2.81 9.43 15.63
CA GLU A 198 2.23 9.49 16.98
C GLU A 198 1.79 10.91 17.34
N ASN A 199 2.57 11.92 16.99
CA ASN A 199 2.21 13.29 17.32
C ASN A 199 1.01 13.80 16.51
N ALA A 200 0.57 13.08 15.48
CA ALA A 200 -0.59 13.49 14.71
C ALA A 200 -1.88 12.85 15.18
N GLY A 201 -1.83 12.05 16.25
CA GLY A 201 -2.97 11.29 16.70
C GLY A 201 -2.97 9.84 16.29
N GLY A 202 -1.99 9.40 15.51
CA GLY A 202 -1.96 8.02 15.04
C GLY A 202 -1.13 7.09 15.90
N LYS A 203 -1.22 5.80 15.61
CA LYS A 203 -0.54 4.78 16.40
C LYS A 203 0.28 3.88 15.49
N VAL A 204 1.42 3.41 16.00
CA VAL A 204 2.27 2.45 15.31
C VAL A 204 2.41 1.23 16.19
N ILE A 205 2.03 0.07 15.66
CA ILE A 205 2.06 -1.19 16.39
C ILE A 205 3.04 -2.13 15.72
N GLN A 206 3.79 -2.85 16.52
CA GLN A 206 4.60 -3.96 16.03
C GLN A 206 3.67 -5.14 15.85
N TRP A 207 3.22 -5.36 14.63
CA TRP A 207 2.27 -6.42 14.31
C TRP A 207 2.79 -7.03 13.01
N GLN A 208 3.65 -8.05 13.13
CA GLN A 208 4.34 -8.59 11.97
C GLN A 208 5.02 -7.45 11.21
N GLY A 209 5.97 -6.81 11.90
CA GLY A 209 6.59 -5.58 11.43
C GLY A 209 5.86 -4.35 11.95
N ALA A 210 6.54 -3.21 11.89
CA ALA A 210 5.96 -1.97 12.40
C ALA A 210 4.92 -1.44 11.42
N ARG A 211 3.71 -1.18 11.92
CA ARG A 211 2.60 -0.87 11.03
C ARG A 211 1.75 0.26 11.59
N VAL A 212 1.36 1.19 10.72
CA VAL A 212 0.37 2.20 11.07
C VAL A 212 -0.93 1.51 11.45
N PHE A 213 -1.34 1.65 12.71
CA PHE A 213 -2.56 1.05 13.27
C PHE A 213 -2.62 -0.46 13.06
N GLY A 214 -1.46 -1.10 13.02
CA GLY A 214 -1.38 -2.54 12.82
C GLY A 214 -1.65 -2.99 11.40
N ARG A 215 -1.69 -2.07 10.43
CA ARG A 215 -2.07 -2.43 9.06
C ARG A 215 -0.97 -2.12 8.05
N LEU A 216 -0.76 -0.85 7.71
CA LEU A 216 0.20 -0.50 6.66
C LEU A 216 1.63 -0.46 7.19
N ALA A 217 2.53 -1.22 6.53
CA ALA A 217 3.94 -1.36 6.92
C ALA A 217 4.84 -0.27 6.34
N MET A 218 4.28 0.91 6.06
CA MET A 218 5.08 2.05 5.59
C MET A 218 4.35 3.31 6.04
N SER A 219 5.10 4.38 6.22
CA SER A 219 4.55 5.60 6.79
C SER A 219 4.21 6.65 5.73
N ARG A 220 4.54 6.39 4.46
CA ARG A 220 4.17 7.26 3.34
C ARG A 220 3.84 6.41 2.13
N SER A 221 3.00 6.96 1.26
CA SER A 221 2.60 6.27 0.04
C SER A 221 1.79 7.24 -0.83
N ILE A 222 1.60 6.83 -2.10
CA ILE A 222 0.60 7.42 -2.98
C ILE A 222 -0.74 6.72 -2.72
N GLY A 223 -1.81 7.49 -2.61
CA GLY A 223 -3.10 6.90 -2.30
C GLY A 223 -3.22 6.57 -0.81
N ASP A 224 -3.98 5.51 -0.51
CA ASP A 224 -4.23 5.10 0.88
C ASP A 224 -4.91 6.20 1.67
N ARG A 225 -5.89 6.88 1.05
CA ARG A 225 -6.50 8.05 1.66
C ARG A 225 -7.22 7.73 2.96
N TYR A 226 -7.59 6.47 3.18
CA TYR A 226 -8.27 6.17 4.43
C TYR A 226 -7.33 6.22 5.64
N LEU A 227 -6.03 6.42 5.43
CA LEU A 227 -5.06 6.54 6.52
C LEU A 227 -4.44 7.92 6.61
N LYS A 228 -4.97 8.91 5.88
CA LYS A 228 -4.50 10.26 6.08
C LYS A 228 -5.06 10.82 7.40
N PRO A 229 -4.33 11.71 8.07
CA PRO A 229 -3.06 12.35 7.69
C PRO A 229 -1.83 11.65 8.27
N TYR A 230 -1.95 10.38 8.62
CA TYR A 230 -0.83 9.62 9.19
C TYR A 230 0.08 9.09 8.09
N VAL A 231 -0.48 8.60 7.00
CA VAL A 231 0.28 8.27 5.81
C VAL A 231 0.14 9.42 4.83
N ILE A 232 1.27 9.95 4.37
CA ILE A 232 1.29 11.15 3.54
C ILE A 232 2.01 10.84 2.23
N PRO A 233 1.67 11.51 1.14
CA PRO A 233 2.41 11.35 -0.12
C PRO A 233 3.64 12.24 -0.28
N GLU A 234 4.07 12.92 0.77
CA GLU A 234 5.25 13.78 0.68
C GLU A 234 6.48 12.91 0.42
N PRO A 235 7.18 13.11 -0.68
CA PRO A 235 8.42 12.35 -0.91
C PRO A 235 9.63 13.03 -0.30
N GLU A 236 10.74 12.30 -0.27
CA GLU A 236 12.03 12.87 0.05
C GLU A 236 12.93 12.79 -1.19
N VAL A 237 13.65 13.87 -1.47
CA VAL A 237 14.25 14.07 -2.78
C VAL A 237 15.76 14.21 -2.61
N THR A 238 16.52 13.42 -3.38
CA THR A 238 17.97 13.48 -3.33
C THR A 238 18.51 13.94 -4.69
N PHE A 239 19.43 14.88 -4.62
CA PHE A 239 20.08 15.51 -5.75
C PHE A 239 21.55 15.11 -5.69
N MET A 240 22.05 14.45 -6.75
CA MET A 240 23.42 13.97 -6.69
C MET A 240 24.17 14.22 -8.00
N PRO A 241 25.29 14.95 -7.98
CA PRO A 241 26.10 15.09 -9.20
C PRO A 241 26.66 13.74 -9.61
N ARG A 242 26.79 13.54 -10.92
CA ARG A 242 27.32 12.29 -11.41
C ARG A 242 28.84 12.28 -11.36
N SER A 243 29.40 11.07 -11.35
CA SER A 243 30.84 10.88 -11.31
C SER A 243 31.25 9.79 -12.29
N ARG A 244 32.41 9.98 -12.91
CA ARG A 244 32.95 8.96 -13.80
C ARG A 244 33.08 7.61 -13.10
N GLU A 245 33.23 7.61 -11.78
CA GLU A 245 33.29 6.37 -11.02
C GLU A 245 31.92 5.72 -10.82
N ASP A 246 30.83 6.36 -11.26
CA ASP A 246 29.53 5.72 -11.19
C ASP A 246 29.51 4.43 -11.99
N GLU A 247 28.95 3.38 -11.40
CA GLU A 247 28.78 2.08 -12.07
C GLU A 247 27.34 1.85 -12.51
N CYS A 248 26.42 1.74 -11.55
CA CYS A 248 25.03 1.54 -11.91
C CYS A 248 24.13 2.19 -10.86
N LEU A 249 22.87 2.34 -11.23
CA LEU A 249 21.81 2.83 -10.37
C LEU A 249 20.68 1.80 -10.44
N ILE A 250 20.28 1.30 -9.27
CA ILE A 250 19.25 0.28 -9.13
C ILE A 250 18.05 0.93 -8.46
N LEU A 251 16.89 0.85 -9.10
CA LEU A 251 15.63 1.16 -8.45
C LEU A 251 14.87 -0.16 -8.24
N ALA A 252 14.41 -0.40 -7.02
CA ALA A 252 13.73 -1.67 -6.79
C ALA A 252 12.76 -1.57 -5.63
N SER A 253 11.72 -2.41 -5.70
CA SER A 253 10.74 -2.57 -4.64
C SER A 253 11.32 -3.39 -3.49
N ASP A 254 10.61 -3.42 -2.37
CA ASP A 254 11.21 -4.14 -1.24
C ASP A 254 11.17 -5.64 -1.47
N GLY A 255 10.53 -6.11 -2.54
CA GLY A 255 10.65 -7.51 -2.92
C GLY A 255 12.09 -7.93 -3.11
N LEU A 256 12.95 -7.00 -3.52
CA LEU A 256 14.38 -7.29 -3.56
C LEU A 256 15.06 -6.93 -2.25
N TRP A 257 14.84 -5.72 -1.74
CA TRP A 257 15.64 -5.18 -0.63
C TRP A 257 15.39 -5.91 0.69
N ASP A 258 14.27 -6.63 0.82
CA ASP A 258 13.99 -7.39 2.03
C ASP A 258 14.88 -8.62 2.18
N VAL A 259 15.51 -9.11 1.11
CA VAL A 259 16.33 -10.31 1.18
C VAL A 259 17.75 -10.09 0.71
N MET A 260 18.10 -8.89 0.23
CA MET A 260 19.47 -8.58 -0.17
C MET A 260 19.81 -7.15 0.22
N ASN A 261 21.05 -6.95 0.67
CA ASN A 261 21.46 -5.62 1.10
C ASN A 261 22.06 -4.84 -0.07
N ASN A 262 22.22 -3.52 0.15
CA ASN A 262 22.65 -2.59 -0.91
C ASN A 262 23.97 -3.01 -1.54
N GLN A 263 24.96 -3.35 -0.72
CA GLN A 263 26.28 -3.67 -1.26
C GLN A 263 26.23 -4.89 -2.17
N GLU A 264 25.66 -5.99 -1.67
CA GLU A 264 25.67 -7.21 -2.49
C GLU A 264 24.84 -7.03 -3.75
N VAL A 265 23.72 -6.30 -3.69
CA VAL A 265 22.92 -6.06 -4.90
C VAL A 265 23.77 -5.36 -5.95
N CYS A 266 24.46 -4.29 -5.56
CA CYS A 266 25.26 -3.52 -6.51
C CYS A 266 26.39 -4.34 -7.13
N GLU A 267 27.17 -5.05 -6.32
CA GLU A 267 28.31 -5.76 -6.90
C GLU A 267 27.87 -6.94 -7.74
N ILE A 268 26.73 -7.55 -7.44
CA ILE A 268 26.20 -8.60 -8.31
C ILE A 268 25.74 -8.01 -9.65
N ALA A 269 25.02 -6.88 -9.59
CA ALA A 269 24.56 -6.22 -10.82
C ALA A 269 25.73 -5.86 -11.72
N ARG A 270 26.78 -5.29 -11.13
CA ARG A 270 27.97 -4.92 -11.89
C ARG A 270 28.68 -6.16 -12.44
N ARG A 271 28.81 -7.19 -11.63
CA ARG A 271 29.38 -8.45 -12.10
C ARG A 271 28.62 -8.99 -13.31
N ARG A 272 27.28 -9.04 -13.21
CA ARG A 272 26.45 -9.58 -14.29
C ARG A 272 26.64 -8.78 -15.57
N ILE A 273 26.70 -7.46 -15.45
CA ILE A 273 26.89 -6.61 -16.62
C ILE A 273 28.22 -6.92 -17.29
N LEU A 274 29.31 -6.89 -16.52
CA LEU A 274 30.61 -7.16 -17.11
C LEU A 274 30.69 -8.58 -17.64
N MET A 275 30.15 -9.54 -16.88
CA MET A 275 30.16 -10.93 -17.33
C MET A 275 29.46 -11.07 -18.68
N TRP A 276 28.39 -10.31 -18.89
CA TRP A 276 27.71 -10.35 -20.18
C TRP A 276 28.59 -9.75 -21.26
N HIS A 277 29.20 -8.58 -20.99
CA HIS A 277 30.04 -7.97 -22.00
C HIS A 277 31.26 -8.82 -22.33
N LYS A 278 31.75 -9.60 -21.38
CA LYS A 278 32.93 -10.43 -21.65
C LYS A 278 32.57 -11.60 -22.54
N LYS A 279 31.46 -12.28 -22.24
CA LYS A 279 30.94 -13.31 -23.14
C LYS A 279 30.67 -12.76 -24.53
N ASN A 280 30.35 -11.46 -24.63
CA ASN A 280 29.79 -10.88 -25.85
C ASN A 280 30.42 -9.53 -26.19
N GLY A 289 21.44 2.81 -27.89
CA GLY A 289 20.53 2.22 -26.90
C GLY A 289 19.06 2.44 -27.23
N LYS A 290 18.52 1.65 -28.18
CA LYS A 290 17.13 1.81 -28.60
C LYS A 290 16.16 1.37 -27.50
N GLY A 291 16.17 0.10 -27.16
CA GLY A 291 15.32 -0.41 -26.09
C GLY A 291 16.14 -0.80 -24.88
N ILE A 292 15.81 -1.92 -24.24
CA ILE A 292 16.57 -2.34 -23.09
C ILE A 292 18.01 -2.68 -23.53
N ASP A 293 18.89 -2.70 -22.57
CA ASP A 293 20.27 -3.12 -22.75
C ASP A 293 20.44 -4.53 -22.21
N PRO A 294 20.95 -5.47 -23.01
CA PRO A 294 20.97 -6.88 -22.55
C PRO A 294 21.76 -7.11 -21.27
N ALA A 295 22.94 -6.51 -21.14
CA ALA A 295 23.73 -6.67 -19.92
C ALA A 295 22.95 -6.24 -18.68
N CYS A 296 22.25 -5.11 -18.76
CA CYS A 296 21.42 -4.67 -17.66
C CYS A 296 20.27 -5.63 -17.40
N GLN A 297 19.62 -6.09 -18.48
CA GLN A 297 18.51 -7.04 -18.34
C GLN A 297 18.98 -8.30 -17.62
N ALA A 298 20.13 -8.84 -18.06
CA ALA A 298 20.70 -10.03 -17.42
C ALA A 298 20.97 -9.76 -15.94
N ALA A 299 21.48 -8.58 -15.63
CA ALA A 299 21.67 -8.23 -14.22
C ALA A 299 20.34 -8.20 -13.48
N ALA A 300 19.33 -7.56 -14.06
CA ALA A 300 18.03 -7.48 -13.40
C ALA A 300 17.37 -8.85 -13.31
N ASP A 301 17.45 -9.63 -14.40
CA ASP A 301 16.92 -11.00 -14.40
C ASP A 301 17.55 -11.84 -13.31
N TYR A 302 18.86 -11.67 -13.10
CA TYR A 302 19.58 -12.50 -12.13
C TYR A 302 19.24 -12.11 -10.70
N LEU A 303 19.13 -10.80 -10.43
CA LEU A 303 18.74 -10.36 -9.09
C LEU A 303 17.35 -10.86 -8.72
N SER A 304 16.40 -10.85 -9.66
CA SER A 304 15.05 -11.31 -9.35
C SER A 304 15.04 -12.81 -9.04
N MET A 305 15.87 -13.59 -9.74
CA MET A 305 15.92 -15.02 -9.44
C MET A 305 16.57 -15.28 -8.08
N LEU A 306 17.61 -14.51 -7.73
CA LEU A 306 18.19 -14.65 -6.40
C LEU A 306 17.19 -14.27 -5.32
N ALA A 307 16.38 -13.24 -5.57
CA ALA A 307 15.40 -12.81 -4.59
C ALA A 307 14.32 -13.87 -4.41
N LEU A 308 13.88 -14.49 -5.50
CA LEU A 308 12.95 -15.61 -5.38
C LEU A 308 13.59 -16.77 -4.61
N GLN A 309 14.86 -17.07 -4.89
CA GLN A 309 15.49 -18.22 -4.24
C GLN A 309 15.62 -17.99 -2.74
N LYS A 310 15.77 -16.74 -2.32
CA LYS A 310 15.87 -16.39 -0.91
C LYS A 310 14.50 -16.20 -0.26
N GLY A 311 13.43 -16.64 -0.91
CA GLY A 311 12.11 -16.62 -0.31
C GLY A 311 11.41 -15.28 -0.19
N SER A 312 11.72 -14.32 -1.05
CA SER A 312 11.01 -13.05 -1.03
C SER A 312 9.51 -13.29 -1.24
N LYS A 313 8.68 -12.58 -0.48
CA LYS A 313 7.24 -12.84 -0.47
C LYS A 313 6.43 -11.94 -1.40
N ASP A 314 6.99 -10.82 -1.86
CA ASP A 314 6.24 -9.80 -2.57
C ASP A 314 6.59 -9.79 -4.04
N ASN A 315 5.80 -9.02 -4.80
CA ASN A 315 6.19 -8.68 -6.16
C ASN A 315 7.62 -8.18 -6.18
N ILE A 316 8.32 -8.46 -7.27
CA ILE A 316 9.69 -8.03 -7.43
C ILE A 316 9.76 -7.10 -8.63
N SER A 317 10.11 -5.83 -8.37
CA SER A 317 10.35 -4.84 -9.42
C SER A 317 11.78 -4.35 -9.30
N ILE A 318 12.54 -4.46 -10.39
CA ILE A 318 13.93 -4.01 -10.42
C ILE A 318 14.22 -3.30 -11.73
N ILE A 319 14.81 -2.11 -11.66
CA ILE A 319 15.37 -1.43 -12.83
C ILE A 319 16.87 -1.27 -12.62
N VAL A 320 17.67 -1.90 -13.47
CA VAL A 320 19.12 -1.75 -13.44
C VAL A 320 19.53 -0.77 -14.52
N ILE A 321 20.27 0.27 -14.13
CA ILE A 321 20.70 1.34 -15.04
C ILE A 321 22.22 1.36 -15.06
N ASP A 322 22.79 1.10 -16.23
CA ASP A 322 24.24 1.16 -16.42
C ASP A 322 24.65 2.61 -16.65
N LEU A 323 25.50 3.15 -15.78
CA LEU A 323 25.91 4.54 -15.84
C LEU A 323 27.29 4.73 -16.46
N LYS A 324 27.92 3.65 -16.94
CA LYS A 324 29.23 3.71 -17.57
C LYS A 324 29.10 4.00 -19.06
N ALA A 325 29.93 4.92 -19.56
CA ALA A 325 29.92 5.29 -20.97
C ALA A 325 30.23 4.07 -21.84
N GLN A 326 31.37 3.43 -21.60
CA GLN A 326 31.75 2.21 -22.31
C GLN A 326 32.25 1.19 -21.30
N ARG A 327 32.31 -0.08 -21.73
CA ARG A 327 32.81 -1.17 -20.92
C ARG A 327 33.62 -2.13 -21.77
N LYS A 328 34.49 -1.60 -22.63
CA LYS A 328 35.43 -2.45 -23.36
C LYS A 328 36.37 -3.13 -22.37
N PHE A 329 36.40 -4.46 -22.40
CA PHE A 329 37.32 -5.20 -21.56
C PHE A 329 38.74 -4.99 -22.05
N LYS A 330 39.65 -4.72 -21.12
CA LYS A 330 41.05 -4.56 -21.41
C LYS A 330 41.86 -5.40 -20.42
N THR A 331 43.07 -5.74 -20.82
CA THR A 331 43.91 -6.65 -20.06
C THR A 331 44.85 -5.86 -19.15
N ALA A 332 44.63 -5.96 -17.84
CA ALA A 332 45.53 -5.32 -16.87
C ALA A 332 46.83 -6.10 -16.80
N THR A 333 47.93 -5.45 -17.15
CA THR A 333 49.22 -6.11 -17.30
C THR A 333 50.03 -6.15 -16.00
N GLU B 4 -20.44 7.29 20.69
CA GLU B 4 -21.05 6.98 21.99
C GLU B 4 -22.55 7.27 21.99
N LEU B 5 -23.32 6.36 22.59
CA LEU B 5 -24.77 6.39 22.54
C LEU B 5 -25.34 7.47 23.45
N THR B 6 -26.60 7.83 23.18
CA THR B 6 -27.33 8.75 24.04
C THR B 6 -27.78 8.03 25.32
N PRO B 7 -28.18 8.79 26.36
CA PRO B 7 -28.83 8.13 27.51
C PRO B 7 -30.09 7.37 27.11
N GLU B 8 -30.90 7.95 26.22
CA GLU B 8 -32.09 7.25 25.73
C GLU B 8 -31.73 5.97 24.98
N GLU B 9 -30.60 5.97 24.27
CA GLU B 9 -30.18 4.79 23.53
C GLU B 9 -29.47 3.78 24.42
N ARG B 10 -28.60 4.26 25.32
CA ARG B 10 -27.86 3.36 26.21
C ARG B 10 -28.77 2.62 27.18
N SER B 11 -30.06 2.98 27.25
CA SER B 11 -31.02 2.34 28.14
C SER B 11 -31.62 1.07 27.54
N GLU B 12 -32.24 1.19 26.36
CA GLU B 12 -32.89 0.04 25.73
C GLU B 12 -31.90 -1.02 25.24
N LEU B 13 -30.61 -0.85 25.48
CA LEU B 13 -29.61 -1.82 25.06
C LEU B 13 -28.86 -2.45 26.21
N LYS B 14 -29.12 -2.03 27.45
CA LYS B 14 -28.43 -2.62 28.60
C LYS B 14 -28.61 -4.14 28.62
N ASN B 15 -29.85 -4.61 28.38
CA ASN B 15 -30.10 -6.06 28.37
C ASN B 15 -29.58 -6.72 27.11
N SER B 16 -29.71 -6.06 25.96
CA SER B 16 -29.18 -6.64 24.72
C SER B 16 -27.67 -6.75 24.78
N ILE B 17 -27.00 -5.84 25.48
CA ILE B 17 -25.55 -5.92 25.65
C ILE B 17 -25.18 -7.00 26.65
N ALA B 18 -25.92 -7.09 27.76
CA ALA B 18 -25.65 -8.14 28.74
C ALA B 18 -25.93 -9.52 28.17
N GLU B 19 -26.96 -9.65 27.32
CA GLU B 19 -27.38 -10.95 26.80
C GLU B 19 -26.45 -11.48 25.70
N PHE B 20 -25.87 -10.60 24.87
CA PHE B 20 -25.20 -11.06 23.66
C PHE B 20 -23.72 -10.68 23.54
N HIS B 21 -23.26 -9.65 24.24
CA HIS B 21 -21.90 -9.13 24.06
C HIS B 21 -21.01 -9.34 25.28
N THR B 22 -21.23 -10.44 26.02
CA THR B 22 -20.45 -10.76 27.20
C THR B 22 -19.65 -12.05 26.97
N TYR B 23 -18.42 -12.06 27.46
CA TYR B 23 -17.51 -13.19 27.27
C TYR B 23 -16.86 -13.62 28.59
N GLY B 28 -5.16 -13.97 29.34
CA GLY B 28 -4.45 -13.90 28.07
C GLY B 28 -5.25 -13.40 26.86
N SER B 29 -6.45 -12.89 27.10
CA SER B 29 -7.31 -12.42 26.02
C SER B 29 -7.87 -11.06 26.37
N CYS B 30 -8.61 -10.48 25.43
CA CYS B 30 -9.13 -9.13 25.57
C CYS B 30 -10.41 -9.01 24.73
N SER B 31 -11.18 -7.96 25.00
CA SER B 31 -12.54 -7.86 24.50
C SER B 31 -12.98 -6.40 24.52
N SER B 32 -14.02 -6.10 23.73
CA SER B 32 -14.48 -4.73 23.56
C SER B 32 -15.81 -4.74 22.82
N LEU B 33 -16.55 -3.64 22.97
CA LEU B 33 -17.82 -3.43 22.26
C LEU B 33 -17.75 -2.14 21.45
N HIS B 34 -18.43 -2.13 20.32
CA HIS B 34 -18.54 -0.94 19.49
C HIS B 34 -19.99 -0.78 19.04
N ALA B 35 -20.37 0.47 18.80
CA ALA B 35 -21.72 0.83 18.39
C ALA B 35 -21.66 1.75 17.18
N GLN B 36 -22.71 1.69 16.37
CA GLN B 36 -22.77 2.52 15.17
C GLN B 36 -24.20 2.94 14.91
N ARG B 37 -24.44 4.24 14.83
CA ARG B 37 -25.76 4.76 14.48
C ARG B 37 -25.90 4.76 12.96
N ILE B 38 -27.05 4.28 12.47
CA ILE B 38 -27.28 4.08 11.04
C ILE B 38 -28.65 4.63 10.70
N HIS B 39 -28.69 5.71 9.92
CA HIS B 39 -29.97 6.32 9.52
C HIS B 39 -30.59 5.45 8.42
N ALA B 40 -31.22 4.36 8.85
CA ALA B 40 -31.87 3.42 7.96
C ALA B 40 -32.70 2.46 8.80
N PRO B 41 -33.70 1.81 8.21
CA PRO B 41 -34.53 0.87 8.97
C PRO B 41 -33.75 -0.37 9.34
N PRO B 42 -34.17 -1.09 10.39
CA PRO B 42 -33.38 -2.24 10.87
C PRO B 42 -33.57 -3.47 10.01
N GLU B 43 -34.76 -3.58 9.40
CA GLU B 43 -35.04 -4.63 8.43
C GLU B 43 -34.01 -4.65 7.32
N LEU B 44 -33.60 -3.46 6.85
CA LEU B 44 -32.63 -3.35 5.76
C LEU B 44 -31.22 -3.63 6.26
N VAL B 45 -30.84 -3.00 7.37
CA VAL B 45 -29.52 -3.24 7.94
C VAL B 45 -29.32 -4.72 8.24
N TRP B 46 -30.33 -5.36 8.81
CA TRP B 46 -30.22 -6.79 9.10
C TRP B 46 -30.11 -7.61 7.81
N SER B 47 -30.73 -7.15 6.73
CA SER B 47 -30.67 -7.91 5.48
C SER B 47 -29.25 -7.98 4.93
N ILE B 48 -28.39 -7.01 5.30
CA ILE B 48 -26.98 -7.02 4.90
C ILE B 48 -26.13 -7.82 5.88
N VAL B 49 -26.38 -7.65 7.19
CA VAL B 49 -25.50 -8.21 8.22
C VAL B 49 -25.65 -9.73 8.29
N ARG B 50 -26.86 -10.25 8.07
CA ARG B 50 -27.09 -11.69 8.17
C ARG B 50 -26.46 -12.47 7.01
N ARG B 51 -25.96 -11.78 5.97
CA ARG B 51 -25.47 -12.45 4.77
C ARG B 51 -24.01 -12.85 4.98
N PHE B 52 -23.84 -13.98 5.67
CA PHE B 52 -22.51 -14.51 6.00
C PHE B 52 -21.67 -14.74 4.74
N ASP B 53 -22.31 -15.07 3.61
CA ASP B 53 -21.56 -15.28 2.37
C ASP B 53 -21.09 -14.00 1.70
N LYS B 54 -21.62 -12.82 2.07
CA LYS B 54 -21.21 -11.56 1.44
C LYS B 54 -20.74 -10.56 2.48
N PRO B 55 -19.62 -10.83 3.17
CA PRO B 55 -19.09 -9.83 4.12
C PRO B 55 -18.45 -8.64 3.42
N GLN B 56 -18.00 -8.78 2.16
CA GLN B 56 -17.38 -7.67 1.45
C GLN B 56 -18.36 -6.54 1.14
N THR B 57 -19.67 -6.83 1.18
CA THR B 57 -20.65 -5.76 1.02
C THR B 57 -20.46 -4.68 2.07
N HIS B 58 -20.11 -5.08 3.31
CA HIS B 58 -20.09 -4.13 4.42
C HIS B 58 -18.84 -4.24 5.30
N ARG B 59 -17.80 -4.96 4.89
CA ARG B 59 -16.55 -5.01 5.63
C ARG B 59 -15.38 -4.74 4.69
N HIS B 60 -14.26 -4.35 5.29
CA HIS B 60 -13.09 -3.93 4.54
C HIS B 60 -12.13 -5.09 4.33
N PHE B 61 -11.15 -4.88 3.42
CA PHE B 61 -9.94 -5.69 3.34
C PHE B 61 -10.17 -7.07 2.73
N ILE B 62 -11.29 -7.28 2.05
CA ILE B 62 -11.61 -8.57 1.45
C ILE B 62 -11.37 -8.47 -0.06
N LYS B 63 -10.35 -9.18 -0.54
CA LYS B 63 -10.16 -9.35 -1.97
C LYS B 63 -11.21 -10.29 -2.54
N SER B 64 -11.42 -11.45 -1.92
CA SER B 64 -12.50 -12.33 -2.35
C SER B 64 -13.03 -13.15 -1.20
N CYS B 65 -14.26 -13.60 -1.35
CA CYS B 65 -14.91 -14.49 -0.41
C CYS B 65 -15.43 -15.70 -1.18
N SER B 66 -15.20 -16.89 -0.64
CA SER B 66 -15.66 -18.13 -1.28
C SER B 66 -16.35 -19.02 -0.26
N VAL B 67 -17.34 -19.77 -0.74
CA VAL B 67 -18.14 -20.70 0.06
C VAL B 67 -18.27 -22.01 -0.72
N GLU B 68 -18.73 -23.06 -0.02
CA GLU B 68 -18.90 -24.36 -0.66
C GLU B 68 -19.81 -24.23 -1.88
N GLN B 69 -19.65 -25.15 -2.83
CA GLN B 69 -20.37 -25.09 -4.11
C GLN B 69 -21.86 -24.82 -3.94
N ASN B 70 -22.61 -25.79 -3.41
CA ASN B 70 -24.05 -25.61 -3.20
C ASN B 70 -24.31 -25.08 -1.79
N PHE B 71 -23.81 -23.85 -1.57
CA PHE B 71 -23.78 -23.26 -0.24
C PHE B 71 -25.17 -23.18 0.37
N GLU B 72 -25.23 -23.39 1.68
CA GLU B 72 -26.44 -23.24 2.48
C GLU B 72 -26.03 -22.55 3.77
N MET B 73 -26.66 -21.40 4.07
CA MET B 73 -26.20 -20.56 5.17
C MET B 73 -26.79 -21.07 6.49
N ARG B 74 -26.22 -22.18 6.95
CA ARG B 74 -26.57 -22.78 8.23
C ARG B 74 -25.56 -22.36 9.29
N VAL B 75 -25.91 -22.61 10.55
CA VAL B 75 -24.93 -22.49 11.61
C VAL B 75 -23.86 -23.55 11.42
N GLY B 76 -22.60 -23.15 11.60
CA GLY B 76 -21.49 -24.03 11.31
C GLY B 76 -20.91 -23.90 9.92
N CYS B 77 -21.58 -23.17 9.03
CA CYS B 77 -21.06 -23.01 7.68
C CYS B 77 -19.88 -22.05 7.69
N THR B 78 -18.99 -22.22 6.71
CA THR B 78 -17.74 -21.50 6.70
C THR B 78 -17.60 -20.66 5.44
N ARG B 79 -16.66 -19.71 5.49
CA ARG B 79 -16.26 -18.93 4.33
C ARG B 79 -14.74 -18.82 4.31
N ASP B 80 -14.18 -18.73 3.11
CA ASP B 80 -12.74 -18.64 2.89
C ASP B 80 -12.45 -17.31 2.22
N ILE B 81 -11.76 -16.43 2.95
CA ILE B 81 -11.50 -15.07 2.50
C ILE B 81 -10.04 -14.95 2.09
N ILE B 82 -9.80 -14.33 0.94
CA ILE B 82 -8.47 -13.84 0.61
C ILE B 82 -8.45 -12.36 0.96
N VAL B 83 -7.47 -11.97 1.77
CA VAL B 83 -7.35 -10.58 2.22
C VAL B 83 -6.61 -9.75 1.18
N ILE B 84 -6.97 -8.45 1.06
CA ILE B 84 -6.19 -7.53 0.19
C ILE B 84 -4.74 -7.47 0.69
N SER B 85 -3.83 -7.08 -0.20
CA SER B 85 -2.40 -7.16 0.09
C SER B 85 -1.94 -6.06 1.03
N GLY B 86 -0.80 -6.31 1.67
CA GLY B 86 -0.15 -5.32 2.51
C GLY B 86 -0.59 -5.32 3.95
N LEU B 87 -1.40 -6.29 4.37
CA LEU B 87 -1.88 -6.47 5.74
C LEU B 87 -1.16 -7.65 6.41
N PRO B 88 -1.17 -7.70 7.73
CA PRO B 88 -0.57 -8.84 8.42
C PRO B 88 -1.50 -10.05 8.47
N ALA B 89 -2.40 -10.14 7.50
CA ALA B 89 -3.21 -11.32 7.25
C ALA B 89 -3.31 -11.51 5.75
N ASN B 90 -3.13 -12.75 5.31
CA ASN B 90 -3.28 -13.14 3.92
C ASN B 90 -4.61 -13.83 3.67
N THR B 91 -5.04 -14.70 4.56
CA THR B 91 -6.28 -15.43 4.41
C THR B 91 -6.97 -15.54 5.76
N SER B 92 -8.28 -15.77 5.71
CA SER B 92 -9.05 -15.99 6.91
C SER B 92 -10.11 -17.02 6.62
N THR B 93 -10.19 -18.06 7.44
CA THR B 93 -11.30 -18.99 7.39
C THR B 93 -12.24 -18.68 8.55
N GLU B 94 -13.51 -18.45 8.24
CA GLU B 94 -14.45 -17.94 9.22
C GLU B 94 -15.67 -18.86 9.26
N ARG B 95 -16.34 -18.86 10.41
CA ARG B 95 -17.42 -19.80 10.68
C ARG B 95 -18.60 -19.09 11.34
N LEU B 96 -19.79 -19.32 10.79
CA LEU B 96 -21.01 -18.75 11.38
C LEU B 96 -21.37 -19.52 12.65
N ASP B 97 -21.55 -18.79 13.76
CA ASP B 97 -21.86 -19.37 15.07
C ASP B 97 -23.30 -19.15 15.50
N ILE B 98 -23.90 -17.99 15.21
CA ILE B 98 -25.30 -17.69 15.50
C ILE B 98 -25.93 -17.03 14.28
N LEU B 99 -27.20 -17.35 14.02
CA LEU B 99 -28.03 -16.59 13.08
C LEU B 99 -29.45 -16.55 13.63
N ASP B 100 -29.82 -15.46 14.28
CA ASP B 100 -31.15 -15.30 14.88
C ASP B 100 -31.92 -14.24 14.09
N ASP B 101 -32.59 -14.68 13.02
CA ASP B 101 -33.33 -13.75 12.17
C ASP B 101 -34.47 -13.06 12.91
N GLU B 102 -34.83 -13.53 14.11
CA GLU B 102 -35.92 -12.96 14.91
C GLU B 102 -35.45 -11.94 15.92
N ARG B 103 -34.31 -12.17 16.57
CA ARG B 103 -33.68 -11.20 17.45
C ARG B 103 -32.56 -10.41 16.76
N ARG B 104 -32.31 -10.68 15.48
CA ARG B 104 -31.29 -9.97 14.70
C ARG B 104 -29.93 -10.01 15.40
N VAL B 105 -29.49 -11.23 15.69
CA VAL B 105 -28.18 -11.50 16.24
C VAL B 105 -27.46 -12.45 15.31
N THR B 106 -26.24 -12.12 14.95
CA THR B 106 -25.37 -13.03 14.23
C THR B 106 -24.00 -13.00 14.90
N GLY B 107 -23.25 -14.08 14.72
CA GLY B 107 -21.94 -14.18 15.35
C GLY B 107 -21.08 -15.15 14.58
N ALA B 108 -19.77 -14.89 14.56
CA ALA B 108 -18.86 -15.68 13.76
C ALA B 108 -17.52 -15.83 14.46
N SER B 109 -16.82 -16.92 14.13
CA SER B 109 -15.50 -17.23 14.63
C SER B 109 -14.49 -17.26 13.50
N ILE B 110 -13.24 -16.99 13.83
CA ILE B 110 -12.13 -17.17 12.91
C ILE B 110 -11.42 -18.46 13.30
N ILE B 111 -11.49 -19.47 12.42
CA ILE B 111 -10.98 -20.81 12.73
C ILE B 111 -9.70 -21.16 11.99
N GLY B 112 -9.25 -20.33 11.03
CA GLY B 112 -8.04 -20.61 10.28
C GLY B 112 -7.65 -19.39 9.44
N GLY B 113 -6.58 -19.57 8.67
CA GLY B 113 -5.99 -18.55 7.83
C GLY B 113 -4.64 -18.10 8.33
N GLU B 114 -3.84 -17.55 7.41
CA GLU B 114 -2.53 -16.99 7.76
C GLU B 114 -2.72 -15.59 8.35
N HIS B 115 -2.73 -15.51 9.67
CA HIS B 115 -2.87 -14.26 10.38
C HIS B 115 -2.51 -14.55 11.84
N ARG B 116 -2.63 -13.54 12.70
CA ARG B 116 -2.19 -13.65 14.09
C ARG B 116 -3.34 -13.58 15.10
N LEU B 117 -4.57 -13.94 14.70
CA LEU B 117 -5.74 -13.87 15.58
C LEU B 117 -6.16 -15.28 15.96
N THR B 118 -5.85 -15.68 17.18
CA THR B 118 -6.30 -16.97 17.70
C THR B 118 -7.52 -16.75 18.59
N ASN B 119 -8.51 -17.64 18.47
CA ASN B 119 -9.69 -17.64 19.32
C ASN B 119 -10.49 -16.34 19.21
N TYR B 120 -10.53 -15.77 18.01
CA TYR B 120 -11.42 -14.65 17.77
C TYR B 120 -12.86 -15.16 17.64
N LYS B 121 -13.77 -14.53 18.38
CA LYS B 121 -15.21 -14.75 18.24
C LYS B 121 -15.91 -13.40 18.37
N GLY B 122 -16.93 -13.17 17.54
CA GLY B 122 -17.57 -11.86 17.50
C GLY B 122 -19.07 -11.99 17.32
N VAL B 123 -19.78 -10.92 17.71
CA VAL B 123 -21.24 -10.88 17.71
C VAL B 123 -21.69 -9.52 17.23
N THR B 124 -22.63 -9.51 16.28
CA THR B 124 -23.27 -8.30 15.80
C THR B 124 -24.76 -8.38 16.11
N THR B 125 -25.35 -7.27 16.55
CA THR B 125 -26.77 -7.19 16.87
C THR B 125 -27.34 -5.89 16.32
N VAL B 126 -28.50 -5.98 15.68
CA VAL B 126 -29.19 -4.82 15.09
C VAL B 126 -30.35 -4.43 15.99
N HIS B 127 -30.65 -3.13 16.07
CA HIS B 127 -31.60 -2.60 17.04
C HIS B 127 -32.40 -1.44 16.45
N ARG B 128 -33.72 -1.47 16.68
CA ARG B 128 -34.62 -0.43 16.20
C ARG B 128 -34.87 0.63 17.28
N PHE B 129 -34.87 1.90 16.87
CA PHE B 129 -35.33 3.01 17.67
C PHE B 129 -36.33 3.83 16.85
N GLU B 130 -37.27 4.48 17.54
CA GLU B 130 -38.24 5.31 16.84
C GLU B 130 -38.73 6.43 17.75
N LYS B 131 -38.71 7.65 17.25
CA LYS B 131 -39.03 8.82 18.06
C LYS B 131 -40.32 9.49 17.59
N GLU B 132 -40.22 10.35 16.60
CA GLU B 132 -41.36 11.10 16.07
C GLU B 132 -41.64 10.62 14.65
N ASN B 133 -42.09 9.36 14.55
CA ASN B 133 -42.22 8.67 13.28
C ASN B 133 -40.92 8.68 12.49
N ARG B 134 -39.80 8.88 13.19
CA ARG B 134 -38.47 8.77 12.62
C ARG B 134 -37.82 7.53 13.23
N ILE B 135 -37.53 6.55 12.39
CA ILE B 135 -36.99 5.26 12.82
C ILE B 135 -35.52 5.19 12.42
N TRP B 136 -34.66 4.83 13.36
CA TRP B 136 -33.24 4.66 13.07
C TRP B 136 -32.75 3.37 13.70
N THR B 137 -31.52 2.99 13.33
CA THR B 137 -30.93 1.71 13.71
C THR B 137 -29.61 1.96 14.44
N VAL B 138 -29.35 1.20 15.50
CA VAL B 138 -28.07 1.18 16.18
C VAL B 138 -27.52 -0.24 16.12
N VAL B 139 -26.32 -0.39 15.58
CA VAL B 139 -25.66 -1.68 15.40
C VAL B 139 -24.56 -1.83 16.44
N LEU B 140 -24.53 -2.99 17.10
CA LEU B 140 -23.50 -3.30 18.09
C LEU B 140 -22.66 -4.46 17.60
N GLU B 141 -21.33 -4.29 17.62
CA GLU B 141 -20.41 -5.36 17.27
C GLU B 141 -19.39 -5.48 18.40
N SER B 142 -19.26 -6.67 18.96
CA SER B 142 -18.27 -6.93 20.00
C SER B 142 -17.38 -8.08 19.55
N TYR B 143 -16.25 -8.24 20.25
CA TYR B 143 -15.33 -9.33 19.97
C TYR B 143 -14.61 -9.73 21.24
N VAL B 144 -14.06 -10.94 21.22
CA VAL B 144 -13.02 -11.37 22.15
C VAL B 144 -11.91 -12.00 21.32
N VAL B 145 -10.68 -11.86 21.77
CA VAL B 145 -9.54 -12.34 21.00
C VAL B 145 -8.34 -12.50 21.93
N ASP B 146 -7.47 -13.44 21.59
CA ASP B 146 -6.19 -13.58 22.28
C ASP B 146 -5.20 -12.54 21.80
N MET B 147 -4.43 -11.99 22.74
CA MET B 147 -3.22 -11.24 22.39
C MET B 147 -2.22 -12.16 21.71
N PRO B 148 -1.71 -11.82 20.54
CA PRO B 148 -0.68 -12.66 19.92
C PRO B 148 0.65 -12.51 20.64
N GLU B 149 1.53 -13.47 20.38
CA GLU B 149 2.84 -13.44 21.03
C GLU B 149 3.58 -12.15 20.70
N GLY B 150 4.08 -11.50 21.73
CA GLY B 150 4.83 -10.28 21.60
C GLY B 150 4.03 -9.01 21.79
N ASN B 151 2.71 -9.09 21.74
CA ASN B 151 1.87 -7.90 21.82
C ASN B 151 1.14 -7.81 23.16
N SER B 152 1.00 -6.57 23.64
CA SER B 152 0.28 -6.29 24.87
C SER B 152 -1.21 -6.29 24.60
N GLU B 153 -1.98 -6.15 25.68
CA GLU B 153 -3.42 -5.99 25.52
C GLU B 153 -3.76 -4.68 24.81
N ASP B 154 -2.99 -3.62 25.05
CA ASP B 154 -3.27 -2.34 24.40
C ASP B 154 -3.05 -2.43 22.89
N ASP B 155 -1.92 -3.02 22.46
CA ASP B 155 -1.65 -3.18 21.03
C ASP B 155 -2.77 -3.92 20.32
N THR B 156 -3.25 -5.01 20.94
CA THR B 156 -4.32 -5.80 20.33
C THR B 156 -5.59 -4.98 20.20
N ARG B 157 -5.94 -4.24 21.25
CA ARG B 157 -7.17 -3.46 21.21
C ARG B 157 -7.05 -2.31 20.22
N ILE B 158 -5.89 -1.65 20.16
CA ILE B 158 -5.69 -0.60 19.16
C ILE B 158 -5.96 -1.16 17.75
N VAL B 159 -5.39 -2.34 17.44
CA VAL B 159 -5.47 -2.91 16.11
C VAL B 159 -6.89 -3.39 15.78
N VAL B 160 -7.51 -4.13 16.70
CA VAL B 160 -8.80 -4.75 16.42
C VAL B 160 -9.93 -3.74 16.57
N ASP B 161 -9.84 -2.79 17.51
CA ASP B 161 -10.88 -1.76 17.59
C ASP B 161 -11.00 -1.00 16.27
N ASP B 162 -9.87 -0.72 15.63
CA ASP B 162 -9.89 0.10 14.42
C ASP B 162 -10.53 -0.64 13.24
N VAL B 163 -10.26 -1.94 13.12
CA VAL B 163 -10.93 -2.75 12.08
C VAL B 163 -12.44 -2.77 12.31
N VAL B 164 -12.85 -3.06 13.55
CA VAL B 164 -14.28 -3.11 13.85
C VAL B 164 -14.93 -1.75 13.60
N LYS B 165 -14.28 -0.67 14.08
CA LYS B 165 -14.78 0.68 13.84
C LYS B 165 -14.98 0.93 12.36
N LEU B 166 -13.90 0.74 11.56
CA LEU B 166 -14.00 1.00 10.13
C LEU B 166 -15.09 0.17 9.50
N ASN B 167 -15.21 -1.10 9.92
CA ASN B 167 -16.25 -1.96 9.36
C ASN B 167 -17.65 -1.48 9.73
N LEU B 168 -17.82 -0.83 10.88
CA LEU B 168 -19.13 -0.29 11.17
C LEU B 168 -19.39 1.01 10.40
N GLN B 169 -18.35 1.79 10.09
CA GLN B 169 -18.52 2.95 9.23
C GLN B 169 -18.92 2.52 7.83
N LYS B 170 -18.26 1.49 7.29
CA LYS B 170 -18.63 1.00 5.96
C LYS B 170 -20.05 0.47 5.95
N LEU B 171 -20.45 -0.27 6.99
CA LEU B 171 -21.81 -0.77 7.05
C LEU B 171 -22.81 0.39 7.09
N ALA B 172 -22.53 1.41 7.91
CA ALA B 172 -23.39 2.60 7.94
C ALA B 172 -23.51 3.23 6.56
N THR B 173 -22.37 3.57 5.94
CA THR B 173 -22.35 4.19 4.62
C THR B 173 -23.13 3.37 3.61
N VAL B 174 -22.92 2.05 3.59
CA VAL B 174 -23.58 1.19 2.61
C VAL B 174 -25.08 1.12 2.89
N ALA B 175 -25.47 0.91 4.15
CA ALA B 175 -26.89 0.82 4.48
C ALA B 175 -27.61 2.14 4.17
N GLU B 176 -27.07 3.25 4.68
CA GLU B 176 -27.69 4.55 4.46
C GLU B 176 -27.85 4.89 2.98
N ALA B 177 -27.03 4.29 2.11
CA ALA B 177 -27.15 4.51 0.68
C ALA B 177 -28.12 3.53 0.02
N MET B 178 -29.05 2.96 0.77
CA MET B 178 -30.05 2.04 0.24
C MET B 178 -31.45 2.47 0.66
C1 GOL C . -7.27 5.36 11.61
O1 GOL C . -7.61 4.43 10.61
C2 GOL C . -8.10 6.65 11.35
O2 GOL C . -7.85 7.22 10.11
C3 GOL C . -9.58 6.22 11.53
O3 GOL C . -9.64 5.47 12.72
C1 GOL D . -18.37 -8.27 30.89
O1 GOL D . -18.79 -7.15 30.16
C2 GOL D . -17.41 -9.08 29.97
O2 GOL D . -18.05 -9.53 28.83
C3 GOL D . -16.87 -10.24 30.83
O3 GOL D . -15.49 -10.28 30.61
CAC 3UZ E . -12.67 -8.51 12.58
CAB 3UZ E . -11.54 -7.99 13.19
CAA 3UZ E . -10.29 -8.22 12.63
CL1 3UZ E . -8.91 -7.58 13.33
CAF 3UZ E . -10.15 -8.97 11.46
CAE 3UZ E . -11.28 -9.50 10.87
CAD 3UZ E . -12.54 -9.29 11.42
CAH 3UZ E . -13.68 -9.79 10.78
OAI 3UZ E . -13.95 -11.10 11.11
CAJ 3UZ E . -15.33 -11.15 11.44
CAK 3UZ E . -15.69 -12.55 11.46
CAL 3UZ E . -15.91 -13.65 11.47
CAM 3UZ E . -13.54 -9.57 9.24
OAN 3UZ E . -13.99 -8.54 8.75
NAO 3UZ E . -12.86 -10.51 8.52
CAP 3UZ E . -12.62 -10.35 7.07
CAQ 3UZ E . -11.24 -10.91 6.64
CAR 3UZ E . -10.19 -10.22 7.27
CAW 3UZ E . -9.28 -10.91 8.09
CAV 3UZ E . -8.24 -10.21 8.73
OAX 3UZ E . -7.31 -10.81 9.55
CAY 3UZ E . -7.68 -12.07 10.12
CAS 3UZ E . -10.04 -8.83 7.10
CAT 3UZ E . -9.01 -8.13 7.73
CAU 3UZ E . -8.11 -8.83 8.53
OAZ 3UZ E . -7.06 -8.23 9.20
CBA 3UZ E . -7.17 -6.81 9.38
CBB 3UZ E . -5.95 -6.35 10.06
CBC 3UZ E . -4.90 -5.99 10.65
#